data_9JVE
#
_entry.id   9JVE
#
_cell.length_a   76.942
_cell.length_b   84.948
_cell.length_c   69.722
_cell.angle_alpha   90.00
_cell.angle_beta   103.36
_cell.angle_gamma   90.00
#
_symmetry.space_group_name_H-M   'C 1 2 1'
#
loop_
_entity.id
_entity.type
_entity.pdbx_description
1 polymer 'SDR family NAD(P)-dependent oxidoreductase'
2 water water
#
_entity_poly.entity_id   1
_entity_poly.type   'polypeptide(L)'
_entity_poly.pdbx_seq_one_letter_code
;MRGSHHHHHHGSNHYDFQGRSAIITGGAQGFGYAVAERLLQGKAKVVLWDMDDKALAEARAKLEPLGNVETVRVDISDQS
DVQQAIEATEKLTQSIDILVHSAGIAGQNNPVADYSPEEWRRVIDIDLNGAFYVNQVVVQRMIAQNYGRIVNIASIAGKE
GNPTASAYSAAKAGMIALTKSLGKETATRNIAVNAITPAAAQTRILEQCTQAHIDYMLSKIPRARFVKVEELAAMVAWLV
SEENSFTTASVFDLSGGRATY
;
_entity_poly.pdbx_strand_id   A,B
#
# COMPACT_ATOMS: atom_id res chain seq x y z
N SER A 12 5.40 7.16 -15.49
CA SER A 12 4.49 6.00 -15.32
C SER A 12 5.28 4.73 -15.06
N ASN A 13 4.67 3.81 -14.34
CA ASN A 13 5.34 2.54 -14.04
C ASN A 13 4.81 1.45 -14.97
N HIS A 14 5.49 0.33 -15.00
CA HIS A 14 5.01 -0.82 -15.82
C HIS A 14 4.86 -2.05 -14.94
N TYR A 15 3.70 -2.67 -14.95
CA TYR A 15 3.45 -3.83 -14.09
C TYR A 15 3.34 -5.00 -15.04
N ASP A 16 4.23 -5.97 -14.96
CA ASP A 16 4.17 -7.11 -15.90
C ASP A 16 3.14 -8.15 -15.44
N PHE A 17 2.26 -8.62 -16.30
CA PHE A 17 1.36 -9.72 -15.88
C PHE A 17 1.40 -10.83 -16.95
N GLN A 18 2.53 -10.96 -17.63
CA GLN A 18 2.65 -11.96 -18.72
C GLN A 18 2.65 -13.38 -18.17
N GLY A 19 1.66 -14.18 -18.54
CA GLY A 19 1.52 -15.59 -18.13
C GLY A 19 0.45 -15.76 -17.09
N ARG A 20 0.06 -14.64 -16.55
CA ARG A 20 -0.92 -14.49 -15.46
C ARG A 20 -2.31 -14.24 -16.04
N SER A 21 -3.34 -14.75 -15.39
CA SER A 21 -4.76 -14.51 -15.72
C SER A 21 -5.51 -13.98 -14.49
N ALA A 22 -6.35 -12.95 -14.72
CA ALA A 22 -7.06 -12.20 -13.66
C ALA A 22 -8.57 -12.39 -13.78
N ILE A 23 -9.25 -12.52 -12.64
CA ILE A 23 -10.71 -12.30 -12.54
C ILE A 23 -10.91 -10.92 -11.94
N ILE A 24 -11.73 -10.07 -12.57
CA ILE A 24 -12.18 -8.78 -12.01
C ILE A 24 -13.70 -8.81 -11.90
N THR A 25 -14.23 -8.92 -10.68
CA THR A 25 -15.69 -8.84 -10.43
C THR A 25 -16.05 -7.36 -10.54
N GLY A 26 -17.29 -7.03 -10.91
CA GLY A 26 -17.69 -5.65 -11.23
C GLY A 26 -16.80 -5.06 -12.31
N GLY A 27 -16.33 -5.90 -13.25
CA GLY A 27 -15.30 -5.58 -14.26
C GLY A 27 -15.82 -4.71 -15.40
N ALA A 28 -17.13 -4.62 -15.56
CA ALA A 28 -17.72 -3.90 -16.71
C ALA A 28 -17.60 -2.37 -16.61
N GLN A 29 -17.44 -1.85 -15.40
CA GLN A 29 -17.45 -0.39 -15.18
C GLN A 29 -16.71 0.00 -13.89
N GLY A 30 -16.45 1.28 -13.73
CA GLY A 30 -15.82 1.84 -12.52
C GLY A 30 -14.44 1.31 -12.22
N PHE A 31 -14.27 0.81 -11.01
CA PHE A 31 -12.95 0.37 -10.51
C PHE A 31 -12.55 -0.91 -11.27
N GLY A 32 -13.45 -1.89 -11.33
CA GLY A 32 -13.19 -3.13 -12.08
C GLY A 32 -12.65 -2.80 -13.48
N TYR A 33 -13.35 -1.91 -14.17
CA TYR A 33 -13.01 -1.52 -15.56
C TYR A 33 -11.62 -0.86 -15.58
N ALA A 34 -11.39 0.15 -14.75
CA ALA A 34 -10.06 0.81 -14.65
C ALA A 34 -8.99 -0.25 -14.37
N VAL A 35 -9.18 -1.16 -13.42
CA VAL A 35 -8.18 -2.21 -13.08
C VAL A 35 -7.89 -3.07 -14.32
N ALA A 36 -8.94 -3.56 -14.98
CA ALA A 36 -8.88 -4.37 -16.19
C ALA A 36 -8.02 -3.67 -17.26
N GLU A 37 -8.25 -2.39 -17.50
CA GLU A 37 -7.47 -1.67 -18.52
C GLU A 37 -6.01 -1.70 -18.14
N ARG A 38 -5.72 -1.45 -16.87
CA ARG A 38 -4.32 -1.48 -16.41
C ARG A 38 -3.70 -2.89 -16.51
N LEU A 39 -4.42 -3.95 -16.15
CA LEU A 39 -3.87 -5.32 -16.20
C LEU A 39 -3.60 -5.73 -17.66
N LEU A 40 -4.47 -5.34 -18.59
CA LEU A 40 -4.30 -5.61 -20.05
C LEU A 40 -3.03 -4.93 -20.53
N GLN A 41 -2.77 -3.72 -20.06
CA GLN A 41 -1.56 -2.94 -20.41
C GLN A 41 -0.27 -3.70 -20.05
N GLY A 42 -0.29 -4.58 -19.04
CA GLY A 42 0.83 -5.42 -18.64
C GLY A 42 0.79 -6.86 -19.15
N LYS A 43 -0.06 -7.20 -20.14
CA LYS A 43 -0.18 -8.52 -20.84
C LYS A 43 -0.93 -9.58 -20.02
N ALA A 44 -1.69 -9.16 -19.02
CA ALA A 44 -2.47 -10.12 -18.22
C ALA A 44 -3.63 -10.65 -19.06
N LYS A 45 -4.04 -11.87 -18.83
CA LYS A 45 -5.27 -12.33 -19.48
C LYS A 45 -6.41 -11.98 -18.52
N VAL A 46 -7.41 -11.26 -19.02
CA VAL A 46 -8.46 -10.70 -18.14
C VAL A 46 -9.80 -11.34 -18.37
N VAL A 47 -10.48 -11.71 -17.30
CA VAL A 47 -11.83 -12.29 -17.38
C VAL A 47 -12.72 -11.38 -16.55
N LEU A 48 -13.67 -10.74 -17.19
CA LEU A 48 -14.58 -9.86 -16.46
C LEU A 48 -15.76 -10.67 -15.96
N TRP A 49 -16.10 -10.47 -14.71
CA TRP A 49 -17.29 -11.03 -14.05
C TRP A 49 -18.19 -9.83 -13.77
N ASP A 50 -19.45 -9.89 -14.19
CA ASP A 50 -20.46 -8.82 -13.95
C ASP A 50 -21.87 -9.41 -14.08
N MET A 51 -22.88 -8.73 -13.54
CA MET A 51 -24.27 -9.22 -13.62
C MET A 51 -25.00 -8.78 -14.91
N ASP A 52 -24.45 -7.85 -15.69
CA ASP A 52 -25.18 -7.41 -16.91
C ASP A 52 -24.47 -7.81 -18.20
N ASP A 53 -25.08 -8.71 -18.99
CA ASP A 53 -24.50 -9.18 -20.28
C ASP A 53 -24.24 -7.97 -21.18
N LYS A 54 -25.16 -7.01 -21.22
CA LYS A 54 -25.05 -5.82 -22.11
C LYS A 54 -23.85 -4.93 -21.73
N ALA A 55 -23.67 -4.67 -20.44
CA ALA A 55 -22.53 -3.85 -19.98
C ALA A 55 -21.25 -4.63 -20.26
N LEU A 56 -21.31 -5.94 -20.09
CA LEU A 56 -20.18 -6.85 -20.37
C LEU A 56 -19.81 -6.73 -21.84
N ALA A 57 -20.77 -6.68 -22.75
CA ALA A 57 -20.49 -6.53 -24.20
C ALA A 57 -19.81 -5.19 -24.45
N GLU A 58 -20.37 -4.12 -23.90
CA GLU A 58 -19.76 -2.78 -24.07
C GLU A 58 -18.30 -2.81 -23.61
N ALA A 59 -18.01 -3.37 -22.43
CA ALA A 59 -16.64 -3.42 -21.91
C ALA A 59 -15.70 -4.19 -22.84
N ARG A 60 -16.08 -5.42 -23.23
CA ARG A 60 -15.23 -6.26 -24.12
C ARG A 60 -14.92 -5.51 -25.42
N ALA A 61 -15.92 -4.86 -26.00
CA ALA A 61 -15.65 -4.10 -27.23
C ALA A 61 -14.58 -3.01 -27.00
N LYS A 62 -14.71 -2.19 -25.94
CA LYS A 62 -13.77 -1.08 -25.67
C LYS A 62 -12.32 -1.53 -25.38
N LEU A 63 -12.16 -2.59 -24.61
CA LEU A 63 -10.81 -3.06 -24.23
C LEU A 63 -10.20 -3.99 -25.27
N GLU A 64 -10.92 -4.35 -26.35
CA GLU A 64 -10.37 -5.34 -27.32
C GLU A 64 -9.07 -4.82 -27.95
N PRO A 65 -8.94 -3.54 -28.32
CA PRO A 65 -7.67 -3.01 -28.79
C PRO A 65 -6.54 -3.13 -27.74
N LEU A 66 -6.89 -3.31 -26.46
CA LEU A 66 -5.91 -3.45 -25.37
C LEU A 66 -5.50 -4.91 -25.17
N GLY A 67 -6.19 -5.89 -25.74
CA GLY A 67 -5.67 -7.25 -25.48
C GLY A 67 -6.72 -8.32 -25.30
N ASN A 68 -6.34 -9.40 -24.63
CA ASN A 68 -7.20 -10.59 -24.43
C ASN A 68 -8.17 -10.45 -23.26
N VAL A 69 -9.45 -10.16 -23.53
CA VAL A 69 -10.53 -9.96 -22.51
C VAL A 69 -11.64 -10.98 -22.75
N GLU A 70 -12.20 -11.55 -21.69
CA GLU A 70 -13.33 -12.50 -21.76
C GLU A 70 -14.46 -12.03 -20.85
N THR A 71 -15.63 -12.61 -21.00
CA THR A 71 -16.77 -12.16 -20.18
C THR A 71 -17.51 -13.35 -19.58
N VAL A 72 -17.78 -13.27 -18.30
CA VAL A 72 -18.57 -14.29 -17.58
C VAL A 72 -19.66 -13.53 -16.84
N ARG A 73 -20.90 -13.89 -17.10
CA ARG A 73 -22.03 -13.21 -16.45
C ARG A 73 -22.39 -14.00 -15.22
N VAL A 74 -22.52 -13.28 -14.10
CA VAL A 74 -22.72 -13.92 -12.78
C VAL A 74 -23.26 -12.92 -11.75
N ASP A 75 -24.08 -13.44 -10.85
CA ASP A 75 -24.54 -12.72 -9.66
C ASP A 75 -23.62 -13.19 -8.53
N ILE A 76 -22.73 -12.33 -8.06
CA ILE A 76 -21.74 -12.72 -7.02
C ILE A 76 -22.44 -12.91 -5.66
N SER A 77 -23.71 -12.56 -5.56
CA SER A 77 -24.48 -12.78 -4.30
C SER A 77 -25.10 -14.18 -4.30
N ASP A 78 -24.96 -14.92 -5.40
CA ASP A 78 -25.50 -16.29 -5.60
C ASP A 78 -24.34 -17.24 -5.66
N GLN A 79 -24.24 -18.09 -4.63
CA GLN A 79 -23.10 -19.02 -4.46
C GLN A 79 -23.01 -19.98 -5.64
N SER A 80 -24.15 -20.52 -6.08
CA SER A 80 -24.16 -21.49 -7.21
C SER A 80 -23.78 -20.81 -8.53
N ASP A 81 -24.15 -19.56 -8.73
CA ASP A 81 -23.83 -18.84 -9.97
C ASP A 81 -22.32 -18.61 -9.97
N VAL A 82 -21.80 -18.35 -8.77
CA VAL A 82 -20.34 -18.14 -8.55
C VAL A 82 -19.57 -19.44 -8.84
N GLN A 83 -20.07 -20.60 -8.38
CA GLN A 83 -19.47 -21.91 -8.74
C GLN A 83 -19.50 -22.06 -10.27
N GLN A 84 -20.63 -21.74 -10.90
CA GLN A 84 -20.77 -21.82 -12.39
C GLN A 84 -19.74 -20.88 -13.01
N ALA A 85 -19.65 -19.63 -12.54
CA ALA A 85 -18.67 -18.62 -13.05
C ALA A 85 -17.25 -19.17 -13.00
N ILE A 86 -16.86 -19.82 -11.90
CA ILE A 86 -15.45 -20.32 -11.75
C ILE A 86 -15.14 -21.43 -12.77
N GLU A 87 -16.05 -22.39 -12.95
CA GLU A 87 -15.92 -23.50 -13.93
C GLU A 87 -15.80 -22.93 -15.34
N ALA A 88 -16.59 -21.93 -15.68
CA ALA A 88 -16.53 -21.26 -16.99
C ALA A 88 -15.15 -20.64 -17.19
N THR A 89 -14.60 -19.99 -16.16
CA THR A 89 -13.31 -19.30 -16.21
C THR A 89 -12.17 -20.27 -16.51
N GLU A 90 -12.22 -21.44 -15.90
CA GLU A 90 -11.22 -22.53 -16.03
C GLU A 90 -11.08 -22.96 -17.50
N LYS A 91 -12.21 -23.05 -18.20
CA LYS A 91 -12.27 -23.34 -19.66
C LYS A 91 -11.74 -22.16 -20.47
N LEU A 92 -11.69 -20.96 -19.91
CA LEU A 92 -11.14 -19.81 -20.68
C LEU A 92 -9.70 -19.49 -20.31
N THR A 93 -9.10 -20.16 -19.34
CA THR A 93 -7.78 -19.72 -18.82
C THR A 93 -6.80 -20.86 -18.56
N GLN A 94 -5.51 -20.60 -18.69
CA GLN A 94 -4.44 -21.56 -18.35
C GLN A 94 -4.33 -21.69 -16.82
N SER A 95 -4.52 -20.60 -16.07
CA SER A 95 -4.56 -20.60 -14.58
C SER A 95 -5.34 -19.40 -14.04
N ILE A 96 -5.70 -19.39 -12.75
CA ILE A 96 -6.38 -18.23 -12.10
C ILE A 96 -5.38 -17.61 -11.10
N ASP A 97 -4.57 -16.64 -11.58
CA ASP A 97 -3.44 -16.04 -10.82
C ASP A 97 -3.89 -14.87 -9.95
N ILE A 98 -4.85 -14.05 -10.40
CA ILE A 98 -5.23 -12.77 -9.74
C ILE A 98 -6.75 -12.73 -9.55
N LEU A 99 -7.21 -12.17 -8.42
CA LEU A 99 -8.62 -11.75 -8.22
C LEU A 99 -8.65 -10.31 -7.72
N VAL A 100 -9.41 -9.44 -8.40
CA VAL A 100 -9.76 -8.09 -7.90
C VAL A 100 -11.27 -8.10 -7.71
N HIS A 101 -11.73 -8.30 -6.47
CA HIS A 101 -13.16 -8.26 -6.08
C HIS A 101 -13.59 -6.80 -5.93
N SER A 102 -14.17 -6.25 -7.00
CA SER A 102 -14.63 -4.85 -7.08
C SER A 102 -16.15 -4.77 -7.06
N ALA A 103 -16.85 -5.89 -7.17
CA ALA A 103 -18.33 -5.85 -7.31
C ALA A 103 -19.04 -5.48 -6.01
N GLY A 104 -20.15 -4.77 -6.12
CA GLY A 104 -20.95 -4.44 -4.95
C GLY A 104 -21.95 -3.33 -5.16
N ILE A 105 -22.74 -3.05 -4.14
CA ILE A 105 -23.73 -1.94 -4.18
C ILE A 105 -23.43 -0.96 -3.02
N ALA A 106 -23.74 0.32 -3.21
CA ALA A 106 -23.54 1.34 -2.18
C ALA A 106 -24.56 1.16 -1.06
N GLY A 107 -25.79 0.81 -1.44
CA GLY A 107 -26.89 0.71 -0.49
C GLY A 107 -27.62 2.03 -0.30
N GLN A 108 -28.82 1.98 0.23
CA GLN A 108 -29.59 3.22 0.52
C GLN A 108 -29.05 3.91 1.78
N ASN A 109 -29.15 5.23 1.83
CA ASN A 109 -28.76 5.94 3.06
C ASN A 109 -29.99 6.11 3.93
N ASN A 110 -29.81 5.79 5.20
CA ASN A 110 -30.84 5.87 6.27
C ASN A 110 -30.18 5.66 7.62
N PRO A 111 -30.55 6.41 8.68
CA PRO A 111 -30.11 6.09 10.04
C PRO A 111 -30.54 4.65 10.34
N VAL A 112 -29.87 4.00 11.31
CA VAL A 112 -30.19 2.60 11.74
C VAL A 112 -31.66 2.52 12.16
N ALA A 113 -32.18 3.54 12.83
CA ALA A 113 -33.55 3.55 13.41
C ALA A 113 -34.60 3.38 12.31
N ASP A 114 -34.27 3.75 11.06
CA ASP A 114 -35.22 3.74 9.90
C ASP A 114 -34.74 2.83 8.78
N TYR A 115 -33.68 2.05 8.96
CA TYR A 115 -33.13 1.20 7.88
C TYR A 115 -34.12 0.07 7.59
N SER A 116 -34.42 -0.18 6.31
CA SER A 116 -35.19 -1.34 5.81
C SER A 116 -34.38 -2.60 6.08
N PRO A 117 -34.86 -3.54 6.93
CA PRO A 117 -34.16 -4.81 7.12
C PRO A 117 -33.89 -5.53 5.80
N GLU A 118 -34.81 -5.38 4.85
CA GLU A 118 -34.76 -5.98 3.49
C GLU A 118 -33.52 -5.41 2.78
N GLU A 119 -33.33 -4.10 2.84
CA GLU A 119 -32.16 -3.41 2.27
C GLU A 119 -30.90 -3.78 3.07
N TRP A 120 -31.04 -3.99 4.38
CA TRP A 120 -29.90 -4.38 5.24
C TRP A 120 -29.36 -5.75 4.79
N ARG A 121 -30.26 -6.70 4.60
CA ARG A 121 -29.95 -8.08 4.17
C ARG A 121 -29.33 -8.08 2.77
N ARG A 122 -29.84 -7.25 1.88
CA ARG A 122 -29.38 -7.19 0.48
C ARG A 122 -27.93 -6.67 0.39
N VAL A 123 -27.65 -5.57 1.07
CA VAL A 123 -26.31 -4.92 1.11
C VAL A 123 -25.32 -5.92 1.71
N ILE A 124 -25.71 -6.62 2.76
CA ILE A 124 -24.85 -7.63 3.41
C ILE A 124 -24.61 -8.75 2.40
N ASP A 125 -25.69 -9.29 1.82
CA ASP A 125 -25.63 -10.47 0.91
C ASP A 125 -24.69 -10.19 -0.26
N ILE A 126 -24.76 -9.01 -0.86
CA ILE A 126 -23.91 -8.63 -2.01
C ILE A 126 -22.49 -8.19 -1.60
N ASP A 127 -22.39 -7.23 -0.69
CA ASP A 127 -21.09 -6.66 -0.27
C ASP A 127 -20.24 -7.59 0.60
N LEU A 128 -20.85 -8.50 1.36
CA LEU A 128 -20.09 -9.35 2.30
C LEU A 128 -20.09 -10.84 1.88
N ASN A 129 -21.27 -11.48 1.85
CA ASN A 129 -21.41 -12.91 1.52
C ASN A 129 -20.89 -13.20 0.12
N GLY A 130 -21.15 -12.32 -0.83
CA GLY A 130 -20.65 -12.49 -2.19
C GLY A 130 -19.15 -12.48 -2.25
N ALA A 131 -18.49 -11.55 -1.56
CA ALA A 131 -17.01 -11.51 -1.51
C ALA A 131 -16.50 -12.83 -0.90
N PHE A 132 -17.18 -13.31 0.12
CA PHE A 132 -16.83 -14.63 0.67
C PHE A 132 -16.97 -15.73 -0.41
N TYR A 133 -18.06 -15.77 -1.18
CA TYR A 133 -18.30 -16.82 -2.21
C TYR A 133 -17.20 -16.75 -3.28
N VAL A 134 -16.96 -15.54 -3.80
CA VAL A 134 -15.91 -15.27 -4.82
C VAL A 134 -14.54 -15.60 -4.26
N ASN A 135 -14.23 -15.25 -3.00
CA ASN A 135 -12.86 -15.47 -2.45
C ASN A 135 -12.63 -16.98 -2.28
N GLN A 136 -13.65 -17.72 -1.84
CA GLN A 136 -13.59 -19.19 -1.63
C GLN A 136 -13.22 -19.92 -2.94
N VAL A 137 -14.00 -19.79 -4.01
CA VAL A 137 -13.75 -20.57 -5.27
C VAL A 137 -12.39 -20.18 -5.86
N VAL A 138 -12.04 -18.90 -5.80
CA VAL A 138 -10.78 -18.39 -6.45
C VAL A 138 -9.59 -18.91 -5.64
N VAL A 139 -9.65 -18.83 -4.31
CA VAL A 139 -8.44 -19.14 -3.49
C VAL A 139 -8.14 -20.66 -3.59
N GLN A 140 -9.17 -21.51 -3.72
CA GLN A 140 -8.98 -22.97 -3.90
C GLN A 140 -8.06 -23.24 -5.10
N ARG A 141 -8.22 -22.49 -6.19
CA ARG A 141 -7.34 -22.61 -7.39
C ARG A 141 -5.96 -22.05 -7.05
N MET A 142 -5.88 -20.96 -6.28
CA MET A 142 -4.55 -20.37 -5.92
C MET A 142 -3.79 -21.36 -5.02
N ILE A 143 -4.50 -22.06 -4.15
CA ILE A 143 -3.93 -23.09 -3.23
C ILE A 143 -3.31 -24.20 -4.08
N ALA A 144 -4.05 -24.71 -5.06
CA ALA A 144 -3.60 -25.79 -5.97
C ALA A 144 -2.37 -25.33 -6.78
N GLN A 145 -2.30 -24.06 -7.20
CA GLN A 145 -1.18 -23.53 -8.01
C GLN A 145 0.00 -23.14 -7.12
N ASN A 146 -0.21 -23.00 -5.81
CA ASN A 146 0.72 -22.26 -4.90
C ASN A 146 1.07 -20.89 -5.53
N TYR A 147 0.06 -20.20 -6.07
CA TYR A 147 0.21 -18.79 -6.55
C TYR A 147 -1.14 -18.09 -6.57
N GLY A 148 -1.16 -16.88 -6.01
CA GLY A 148 -2.33 -16.00 -5.90
C GLY A 148 -1.94 -14.60 -5.46
N ARG A 149 -2.68 -13.63 -5.96
CA ARG A 149 -2.66 -12.21 -5.58
C ARG A 149 -4.12 -11.79 -5.61
N ILE A 150 -4.72 -11.54 -4.45
CA ILE A 150 -6.12 -11.06 -4.33
C ILE A 150 -6.13 -9.62 -3.77
N VAL A 151 -7.03 -8.77 -4.29
CA VAL A 151 -7.38 -7.45 -3.68
C VAL A 151 -8.90 -7.39 -3.54
N ASN A 152 -9.40 -7.30 -2.31
CA ASN A 152 -10.84 -7.02 -2.03
C ASN A 152 -11.01 -5.50 -1.93
N ILE A 153 -11.73 -4.97 -2.88
CA ILE A 153 -12.03 -3.54 -2.78
C ILE A 153 -13.12 -3.34 -1.75
N ALA A 154 -12.70 -2.74 -0.65
CA ALA A 154 -13.60 -2.39 0.45
C ALA A 154 -13.90 -0.90 0.35
N SER A 155 -13.81 -0.16 1.43
CA SER A 155 -14.09 1.29 1.49
C SER A 155 -13.66 1.86 2.86
N ILE A 156 -13.48 3.16 2.92
CA ILE A 156 -13.21 3.94 4.17
C ILE A 156 -14.39 3.72 5.14
N ALA A 157 -15.57 3.43 4.61
CA ALA A 157 -16.75 3.06 5.42
C ALA A 157 -16.45 1.79 6.26
N GLY A 158 -15.68 0.84 5.73
CA GLY A 158 -15.26 -0.37 6.46
C GLY A 158 -14.42 0.02 7.67
N LYS A 159 -13.58 1.03 7.54
CA LYS A 159 -12.77 1.45 8.70
C LYS A 159 -13.51 2.42 9.63
N GLU A 160 -14.43 3.22 9.12
CA GLU A 160 -14.89 4.30 10.01
C GLU A 160 -16.31 4.12 10.57
N GLY A 161 -17.18 3.39 9.90
CA GLY A 161 -18.57 3.22 10.34
C GLY A 161 -19.31 4.49 9.95
N ASN A 162 -19.42 4.70 8.64
CA ASN A 162 -19.99 5.92 8.06
C ASN A 162 -21.43 6.02 8.46
N PRO A 163 -21.98 7.19 9.18
CA PRO A 163 -23.34 7.49 9.60
C PRO A 163 -24.30 7.54 8.41
N THR A 164 -25.45 6.91 8.59
CA THR A 164 -26.54 6.69 7.61
C THR A 164 -26.14 5.63 6.57
N ALA A 165 -25.04 4.90 6.77
CA ALA A 165 -24.62 3.83 5.84
C ALA A 165 -24.10 2.63 6.63
N SER A 166 -24.79 2.32 7.72
CA SER A 166 -24.48 1.18 8.63
C SER A 166 -24.32 -0.13 7.86
N ALA A 167 -25.26 -0.46 6.99
CA ALA A 167 -25.21 -1.72 6.19
C ALA A 167 -23.95 -1.81 5.34
N TYR A 168 -23.65 -0.79 4.55
CA TYR A 168 -22.49 -0.73 3.66
C TYR A 168 -21.19 -0.76 4.50
N SER A 169 -21.14 0.06 5.54
CA SER A 169 -20.02 0.15 6.50
C SER A 169 -19.76 -1.22 7.13
N ALA A 170 -20.81 -1.95 7.49
CA ALA A 170 -20.69 -3.27 8.15
C ALA A 170 -20.18 -4.35 7.20
N ALA A 171 -20.66 -4.37 5.96
CA ALA A 171 -20.25 -5.32 4.91
C ALA A 171 -18.78 -5.11 4.52
N LYS A 172 -18.37 -3.86 4.39
CA LYS A 172 -16.96 -3.52 4.06
C LYS A 172 -16.04 -3.93 5.21
N ALA A 173 -16.49 -3.79 6.44
CA ALA A 173 -15.75 -4.22 7.65
C ALA A 173 -15.54 -5.75 7.65
N GLY A 174 -16.60 -6.49 7.35
CA GLY A 174 -16.62 -7.96 7.25
C GLY A 174 -15.66 -8.42 6.18
N MET A 175 -15.66 -7.72 5.07
CA MET A 175 -14.77 -7.99 3.94
C MET A 175 -13.34 -7.78 4.42
N ILE A 176 -13.07 -6.72 5.13
CA ILE A 176 -11.73 -6.49 5.71
C ILE A 176 -11.31 -7.63 6.66
N ALA A 177 -12.16 -8.05 7.61
CA ALA A 177 -11.81 -9.15 8.52
C ALA A 177 -11.69 -10.48 7.75
N LEU A 178 -12.52 -10.69 6.72
CA LEU A 178 -12.39 -11.88 5.84
C LEU A 178 -10.99 -11.87 5.23
N THR A 179 -10.58 -10.71 4.72
CA THR A 179 -9.23 -10.49 4.14
C THR A 179 -8.14 -10.93 5.14
N LYS A 180 -8.23 -10.50 6.40
CA LYS A 180 -7.24 -10.88 7.45
C LYS A 180 -7.29 -12.39 7.74
N SER A 181 -8.45 -13.01 7.82
CA SER A 181 -8.51 -14.48 8.10
C SER A 181 -7.85 -15.26 6.95
N LEU A 182 -8.23 -14.96 5.72
CA LEU A 182 -7.76 -15.58 4.45
C LEU A 182 -6.26 -15.38 4.26
N GLY A 183 -5.77 -14.17 4.45
CA GLY A 183 -4.35 -13.86 4.34
C GLY A 183 -3.53 -14.73 5.29
N LYS A 184 -3.89 -14.77 6.57
CA LYS A 184 -3.20 -15.59 7.62
C LYS A 184 -3.32 -17.09 7.31
N GLU A 185 -4.45 -17.53 6.78
CA GLU A 185 -4.65 -18.96 6.39
C GLU A 185 -3.72 -19.36 5.24
N THR A 186 -3.44 -18.46 4.32
CA THR A 186 -2.62 -18.78 3.14
C THR A 186 -1.18 -18.22 3.20
N ALA A 187 -0.71 -17.80 4.37
CA ALA A 187 0.60 -17.11 4.50
C ALA A 187 1.82 -17.97 4.15
N THR A 188 1.72 -19.26 4.38
CA THR A 188 2.81 -20.21 4.06
C THR A 188 2.79 -20.53 2.56
N ARG A 189 1.78 -20.13 1.81
CA ARG A 189 1.80 -20.37 0.35
C ARG A 189 2.15 -19.05 -0.35
N ASN A 190 2.57 -19.07 -1.61
CA ASN A 190 2.87 -17.83 -2.38
C ASN A 190 1.58 -17.16 -2.89
N ILE A 191 0.78 -16.66 -1.96
CA ILE A 191 -0.55 -16.07 -2.10
C ILE A 191 -0.63 -14.84 -1.18
N ALA A 192 -1.02 -13.71 -1.74
CA ALA A 192 -1.21 -12.44 -1.01
C ALA A 192 -2.70 -12.10 -1.05
N VAL A 193 -3.24 -11.79 0.11
CA VAL A 193 -4.67 -11.44 0.28
C VAL A 193 -4.69 -10.12 1.03
N ASN A 194 -4.97 -9.07 0.29
CA ASN A 194 -4.98 -7.69 0.75
C ASN A 194 -6.28 -6.99 0.37
N ALA A 195 -6.57 -5.90 1.05
CA ALA A 195 -7.77 -5.09 0.83
C ALA A 195 -7.39 -3.61 0.68
N ILE A 196 -8.19 -2.85 -0.06
CA ILE A 196 -8.01 -1.38 -0.26
C ILE A 196 -9.22 -0.64 0.32
N THR A 197 -8.99 0.54 0.86
CA THR A 197 -10.06 1.36 1.50
C THR A 197 -10.13 2.72 0.78
N PRO A 198 -10.77 2.79 -0.39
CA PRO A 198 -10.86 4.06 -1.02
C PRO A 198 -11.96 4.94 -0.41
N ALA A 199 -11.77 6.21 -0.66
CA ALA A 199 -12.79 7.26 -0.47
C ALA A 199 -13.71 7.24 -1.71
N ALA A 200 -14.69 8.12 -1.74
CA ALA A 200 -15.54 8.24 -2.93
C ALA A 200 -14.71 8.51 -4.21
N ALA A 201 -15.03 7.84 -5.28
CA ALA A 201 -14.27 8.10 -6.52
C ALA A 201 -15.08 8.99 -7.46
N ARG A 204 -19.96 7.80 -11.81
CA ARG A 204 -21.36 8.16 -12.04
C ARG A 204 -22.09 8.25 -10.70
N ILE A 205 -21.69 7.47 -9.71
CA ILE A 205 -22.41 7.43 -8.39
C ILE A 205 -22.56 8.85 -7.83
N LEU A 206 -21.56 9.73 -7.98
CA LEU A 206 -21.66 11.09 -7.40
C LEU A 206 -22.76 11.97 -8.03
N GLU A 207 -23.28 11.66 -9.21
CA GLU A 207 -24.37 12.46 -9.83
C GLU A 207 -25.59 12.46 -8.89
N GLN A 208 -25.90 11.34 -8.23
CA GLN A 208 -26.98 11.23 -7.21
C GLN A 208 -26.73 12.17 -6.03
N CYS A 209 -25.49 12.45 -5.67
CA CYS A 209 -25.28 13.31 -4.47
C CYS A 209 -25.67 14.77 -4.72
N THR A 210 -26.13 15.42 -3.67
CA THR A 210 -26.45 16.87 -3.67
C THR A 210 -25.14 17.67 -3.59
N GLN A 211 -25.12 18.92 -4.02
CA GLN A 211 -23.87 19.70 -3.90
C GLN A 211 -23.45 19.76 -2.43
N ALA A 212 -24.40 19.90 -1.52
CA ALA A 212 -24.12 20.00 -0.08
C ALA A 212 -23.47 18.72 0.39
N HIS A 213 -23.94 17.61 -0.10
CA HIS A 213 -23.35 16.30 0.27
C HIS A 213 -21.90 16.17 -0.25
N ILE A 214 -21.65 16.61 -1.49
N ILE A 214 -21.65 16.62 -1.48
CA ILE A 214 -20.29 16.57 -2.12
CA ILE A 214 -20.31 16.59 -2.14
C ILE A 214 -19.30 17.41 -1.32
C ILE A 214 -19.30 17.41 -1.32
N ASP A 215 -19.76 18.56 -0.82
CA ASP A 215 -18.91 19.45 -0.01
C ASP A 215 -18.70 18.84 1.37
N TYR A 216 -19.69 18.13 1.91
CA TYR A 216 -19.47 17.44 3.19
C TYR A 216 -18.41 16.36 2.98
N MET A 217 -18.56 15.57 1.92
CA MET A 217 -17.61 14.46 1.67
C MET A 217 -16.19 15.02 1.45
N LEU A 218 -16.07 16.07 0.64
CA LEU A 218 -14.76 16.73 0.37
C LEU A 218 -14.19 17.40 1.63
N SER A 219 -15.01 17.84 2.57
CA SER A 219 -14.52 18.40 3.84
C SER A 219 -13.72 17.33 4.61
N LYS A 220 -14.17 16.09 4.56
CA LYS A 220 -13.52 14.93 5.23
C LYS A 220 -12.23 14.51 4.51
N ILE A 221 -11.99 14.96 3.28
CA ILE A 221 -10.77 14.50 2.56
C ILE A 221 -9.71 15.61 2.48
N PRO A 222 -8.54 15.44 3.10
CA PRO A 222 -7.42 16.40 3.05
C PRO A 222 -6.96 16.67 1.61
N ARG A 223 -6.99 15.66 0.74
CA ARG A 223 -6.67 15.85 -0.71
C ARG A 223 -7.61 16.89 -1.36
N ALA A 224 -8.85 17.03 -0.91
CA ALA A 224 -9.90 17.99 -1.32
C ALA A 224 -10.44 17.62 -2.71
N ARG A 225 -10.36 16.35 -3.02
CA ARG A 225 -10.84 15.77 -4.28
C ARG A 225 -11.05 14.27 -4.10
N PHE A 226 -11.85 13.67 -4.96
CA PHE A 226 -12.12 12.22 -5.00
C PHE A 226 -10.94 11.51 -5.69
N VAL A 227 -10.80 10.22 -5.44
CA VAL A 227 -9.71 9.40 -6.04
C VAL A 227 -10.08 9.14 -7.52
N LYS A 228 -9.14 9.25 -8.42
CA LYS A 228 -9.48 8.94 -9.83
C LYS A 228 -9.40 7.42 -9.98
N VAL A 229 -10.30 6.82 -10.75
CA VAL A 229 -10.28 5.34 -10.97
C VAL A 229 -8.90 4.88 -11.43
N GLU A 230 -8.18 5.70 -12.21
CA GLU A 230 -6.85 5.29 -12.70
C GLU A 230 -5.86 5.19 -11.51
N GLU A 231 -6.03 6.02 -10.48
CA GLU A 231 -5.18 6.01 -9.25
C GLU A 231 -5.42 4.70 -8.47
N LEU A 232 -6.68 4.30 -8.35
CA LEU A 232 -7.04 3.00 -7.73
C LEU A 232 -6.39 1.86 -8.53
N ALA A 233 -6.56 1.86 -9.86
CA ALA A 233 -5.98 0.85 -10.77
C ALA A 233 -4.45 0.73 -10.58
N ALA A 234 -3.74 1.86 -10.48
CA ALA A 234 -2.29 1.87 -10.29
C ALA A 234 -1.90 1.09 -9.01
N MET A 235 -2.50 1.41 -7.87
CA MET A 235 -2.19 0.72 -6.60
C MET A 235 -2.57 -0.78 -6.68
N VAL A 236 -3.78 -1.11 -7.14
CA VAL A 236 -4.26 -2.52 -7.30
C VAL A 236 -3.27 -3.33 -8.15
N ALA A 237 -2.79 -2.78 -9.25
CA ALA A 237 -1.82 -3.39 -10.18
C ALA A 237 -0.54 -3.74 -9.40
N TRP A 238 -0.08 -2.87 -8.51
CA TRP A 238 1.08 -3.27 -7.69
C TRP A 238 0.74 -4.43 -6.75
N LEU A 239 -0.40 -4.34 -6.08
CA LEU A 239 -0.91 -5.33 -5.10
C LEU A 239 -1.17 -6.71 -5.75
N VAL A 240 -1.52 -6.77 -7.03
CA VAL A 240 -1.79 -8.06 -7.74
C VAL A 240 -0.54 -8.55 -8.51
N SER A 241 0.54 -7.79 -8.41
CA SER A 241 1.82 -8.11 -9.05
C SER A 241 2.60 -9.11 -8.21
N GLU A 242 3.49 -9.85 -8.85
CA GLU A 242 4.37 -10.89 -8.27
C GLU A 242 5.23 -10.26 -7.16
N GLU A 243 5.74 -9.09 -7.43
CA GLU A 243 6.54 -8.24 -6.55
C GLU A 243 5.86 -8.02 -5.18
N ASN A 244 4.52 -8.06 -5.05
CA ASN A 244 3.90 -7.93 -3.70
C ASN A 244 3.94 -9.34 -3.11
N SER A 245 5.07 -9.72 -2.57
CA SER A 245 5.34 -11.12 -2.16
C SER A 245 5.37 -11.38 -0.65
N PHE A 246 5.51 -10.35 0.17
CA PHE A 246 5.51 -10.48 1.65
C PHE A 246 4.17 -10.04 2.26
N THR A 247 3.66 -8.85 1.93
CA THR A 247 2.44 -8.32 2.55
C THR A 247 1.15 -9.11 2.23
N THR A 248 0.47 -9.51 3.29
CA THR A 248 -0.80 -10.26 3.25
C THR A 248 -1.62 -9.93 4.51
N ALA A 249 -2.93 -10.13 4.42
CA ALA A 249 -3.94 -9.85 5.47
C ALA A 249 -3.82 -8.39 5.90
N SER A 250 -3.63 -7.49 4.94
CA SER A 250 -3.32 -6.08 5.17
C SER A 250 -4.26 -5.16 4.41
N VAL A 251 -4.47 -4.02 5.01
CA VAL A 251 -5.34 -3.01 4.40
C VAL A 251 -4.47 -1.90 3.83
N PHE A 252 -4.67 -1.63 2.57
CA PHE A 252 -3.97 -0.50 1.92
C PHE A 252 -5.00 0.63 1.81
N ASP A 253 -4.60 1.81 2.21
CA ASP A 253 -5.51 2.96 2.17
C ASP A 253 -5.46 3.74 0.85
N LEU A 254 -6.63 4.24 0.45
CA LEU A 254 -6.78 5.16 -0.70
C LEU A 254 -7.82 6.23 -0.35
N SER A 255 -7.56 6.97 0.72
CA SER A 255 -8.57 7.91 1.25
C SER A 255 -8.15 9.38 1.14
N GLY A 256 -6.99 9.64 0.54
CA GLY A 256 -6.42 10.98 0.38
C GLY A 256 -6.24 11.70 1.70
N GLY A 257 -5.70 10.99 2.70
CA GLY A 257 -5.40 11.49 4.05
C GLY A 257 -6.52 11.40 5.08
N ARG A 258 -7.70 10.90 4.72
CA ARG A 258 -8.81 10.80 5.70
C ARG A 258 -8.54 9.79 6.82
N ALA A 259 -8.16 8.57 6.49
CA ALA A 259 -7.89 7.46 7.40
C ALA A 259 -6.80 7.85 8.38
N THR A 260 -7.04 7.53 9.63
CA THR A 260 -6.10 7.76 10.73
C THR A 260 -5.48 6.42 11.11
N TYR A 261 -5.91 5.30 10.51
CA TYR A 261 -5.17 4.02 10.68
C TYR A 261 -4.95 3.30 9.34
N SER B 12 8.29 -8.92 -12.22
CA SER B 12 9.13 -7.71 -12.23
C SER B 12 8.41 -6.52 -12.87
N ASN B 13 8.30 -5.48 -12.07
CA ASN B 13 7.69 -4.21 -12.50
C ASN B 13 8.83 -3.24 -12.82
N HIS B 14 8.48 -2.14 -13.46
CA HIS B 14 9.47 -1.07 -13.67
C HIS B 14 8.93 0.24 -13.10
N TYR B 15 9.72 0.91 -12.29
CA TYR B 15 9.30 2.21 -11.68
C TYR B 15 10.19 3.28 -12.31
N ASP B 16 9.60 4.15 -13.14
CA ASP B 16 10.32 5.25 -13.82
C ASP B 16 10.59 6.37 -12.81
N PHE B 17 11.84 6.75 -12.67
CA PHE B 17 12.26 7.81 -11.74
C PHE B 17 13.09 8.84 -12.51
N GLN B 18 12.99 8.81 -13.85
CA GLN B 18 13.75 9.72 -14.75
C GLN B 18 13.42 11.19 -14.46
N GLY B 19 14.43 11.98 -14.14
CA GLY B 19 14.19 13.41 -13.89
C GLY B 19 14.06 13.71 -12.42
N ARG B 20 13.93 12.67 -11.62
CA ARG B 20 13.78 12.79 -10.16
C ARG B 20 15.10 12.50 -9.46
N SER B 21 15.23 13.12 -8.32
CA SER B 21 16.36 12.94 -7.40
C SER B 21 15.84 12.56 -6.02
N ALA B 22 16.56 11.64 -5.36
CA ALA B 22 16.19 10.96 -4.11
C ALA B 22 17.23 11.21 -3.02
N ILE B 23 16.77 11.30 -1.80
CA ILE B 23 17.70 11.31 -0.65
C ILE B 23 17.38 10.01 0.08
N ILE B 24 18.39 9.24 0.40
CA ILE B 24 18.18 8.03 1.21
C ILE B 24 19.13 8.05 2.40
N THR B 25 18.53 8.22 3.58
CA THR B 25 19.17 8.17 4.91
C THR B 25 19.34 6.69 5.24
N GLY B 26 20.46 6.35 5.87
CA GLY B 26 20.87 4.96 6.06
C GLY B 26 21.09 4.32 4.70
N GLY B 27 21.61 5.09 3.74
CA GLY B 27 21.85 4.80 2.33
C GLY B 27 22.93 3.79 2.12
N ALA B 28 23.84 3.67 3.08
CA ALA B 28 25.02 2.79 2.95
C ALA B 28 24.74 1.29 3.05
N GLN B 29 23.64 0.87 3.67
CA GLN B 29 23.41 -0.58 3.88
C GLN B 29 21.94 -0.86 4.19
N GLY B 30 21.60 -2.14 4.24
CA GLY B 30 20.26 -2.63 4.59
C GLY B 30 19.17 -2.07 3.70
N PHE B 31 18.11 -1.56 4.33
CA PHE B 31 16.95 -1.08 3.55
C PHE B 31 17.33 0.10 2.63
N GLY B 32 18.02 1.09 3.16
CA GLY B 32 18.42 2.26 2.38
C GLY B 32 19.16 1.90 1.09
N TYR B 33 20.12 0.99 1.22
CA TYR B 33 20.97 0.45 0.13
C TYR B 33 20.10 -0.32 -0.86
N ALA B 34 19.28 -1.25 -0.40
CA ALA B 34 18.32 -1.99 -1.25
C ALA B 34 17.39 -1.01 -1.99
N VAL B 35 16.86 0.02 -1.33
CA VAL B 35 15.98 1.06 -1.98
C VAL B 35 16.81 1.83 -3.03
N ALA B 36 18.02 2.22 -2.67
CA ALA B 36 18.88 2.98 -3.60
C ALA B 36 19.16 2.12 -4.85
N GLU B 37 19.40 0.84 -4.65
CA GLU B 37 19.61 -0.08 -5.78
C GLU B 37 18.38 -0.01 -6.68
N ARG B 38 17.19 -0.15 -6.13
CA ARG B 38 15.96 -0.10 -6.93
C ARG B 38 15.73 1.27 -7.60
N LEU B 39 16.01 2.38 -6.93
CA LEU B 39 15.75 3.70 -7.53
C LEU B 39 16.69 3.95 -8.73
N LEU B 40 17.94 3.51 -8.63
CA LEU B 40 18.93 3.64 -9.71
C LEU B 40 18.45 2.88 -10.96
N GLN B 41 17.76 1.76 -10.76
CA GLN B 41 17.20 0.89 -11.83
C GLN B 41 16.16 1.68 -12.63
N GLY B 42 15.42 2.57 -11.98
CA GLY B 42 14.42 3.44 -12.65
C GLY B 42 15.01 4.77 -13.10
N LYS B 43 16.35 4.89 -13.13
CA LYS B 43 17.13 6.07 -13.56
C LYS B 43 16.99 7.26 -12.63
N ALA B 44 16.77 7.06 -11.33
CA ALA B 44 16.70 8.22 -10.43
C ALA B 44 18.12 8.67 -10.09
N LYS B 45 18.29 9.96 -9.85
CA LYS B 45 19.58 10.44 -9.33
C LYS B 45 19.42 10.21 -7.84
N VAL B 46 20.41 9.58 -7.24
CA VAL B 46 20.33 9.11 -5.85
C VAL B 46 21.42 9.74 -5.00
N VAL B 47 21.04 10.24 -3.84
CA VAL B 47 21.98 10.81 -2.86
C VAL B 47 21.87 10.05 -1.54
N LEU B 48 22.94 9.37 -1.18
CA LEU B 48 22.96 8.60 0.07
C LEU B 48 23.38 9.53 1.19
N TRP B 49 22.69 9.42 2.30
CA TRP B 49 22.94 10.13 3.57
C TRP B 49 23.25 9.02 4.59
N ASP B 50 24.37 9.16 5.31
CA ASP B 50 24.83 8.18 6.32
C ASP B 50 25.93 8.78 7.21
N MET B 51 26.11 8.24 8.41
CA MET B 51 27.15 8.76 9.32
C MET B 51 28.57 8.25 9.00
N ASP B 52 28.77 7.20 8.21
CA ASP B 52 30.15 6.70 7.98
C ASP B 52 30.63 6.95 6.57
N ASP B 53 31.77 7.64 6.46
CA ASP B 53 32.45 8.00 5.19
C ASP B 53 32.94 6.72 4.49
N LYS B 54 33.51 5.77 5.21
CA LYS B 54 34.00 4.51 4.58
C LYS B 54 32.83 3.67 4.07
N ALA B 55 31.74 3.58 4.83
CA ALA B 55 30.58 2.78 4.34
C ALA B 55 29.97 3.45 3.11
N LEU B 56 29.88 4.77 3.14
CA LEU B 56 29.33 5.60 2.05
C LEU B 56 30.17 5.38 0.80
N ALA B 57 31.51 5.41 0.94
CA ALA B 57 32.46 5.19 -0.17
C ALA B 57 32.28 3.79 -0.76
N GLU B 58 32.20 2.79 0.10
CA GLU B 58 32.02 1.38 -0.31
C GLU B 58 30.67 1.19 -1.02
N ALA B 59 29.63 1.92 -0.61
CA ALA B 59 28.31 1.75 -1.26
C ALA B 59 28.33 2.32 -2.67
N ARG B 60 28.88 3.52 -2.85
CA ARG B 60 28.82 4.12 -4.21
C ARG B 60 29.65 3.32 -5.20
N ALA B 61 30.75 2.72 -4.77
CA ALA B 61 31.58 1.92 -5.69
C ALA B 61 30.70 0.78 -6.21
N LYS B 62 30.10 -0.01 -5.33
CA LYS B 62 29.23 -1.13 -5.76
C LYS B 62 27.97 -0.67 -6.50
N LEU B 63 27.54 0.58 -6.31
CA LEU B 63 26.32 1.13 -6.98
C LEU B 63 26.67 1.90 -8.25
N PRO B 65 28.15 1.23 -11.11
CA PRO B 65 27.67 0.66 -12.34
C PRO B 65 26.17 0.89 -12.52
N LEU B 66 25.36 0.80 -11.45
CA LEU B 66 23.88 0.99 -11.60
C LEU B 66 23.61 2.40 -12.12
N GLY B 67 24.26 3.43 -11.61
CA GLY B 67 23.98 4.77 -12.12
C GLY B 67 24.62 5.89 -11.34
N ASN B 68 24.02 7.06 -11.42
CA ASN B 68 24.52 8.28 -10.75
C ASN B 68 24.19 8.28 -9.26
N VAL B 69 25.21 8.08 -8.42
CA VAL B 69 25.06 8.07 -6.94
C VAL B 69 26.00 9.10 -6.37
N GLU B 70 25.54 9.88 -5.39
CA GLU B 70 26.36 10.86 -4.64
C GLU B 70 26.27 10.54 -3.15
N THR B 71 27.19 11.07 -2.36
CA THR B 71 27.22 10.73 -0.91
C THR B 71 27.39 11.97 -0.04
N VAL B 72 26.70 11.94 1.08
CA VAL B 72 26.75 13.01 2.10
C VAL B 72 26.80 12.34 3.45
N ARG B 73 27.79 12.70 4.25
CA ARG B 73 27.96 12.20 5.61
C ARG B 73 27.25 13.19 6.50
N VAL B 74 26.43 12.65 7.37
CA VAL B 74 25.57 13.42 8.29
C VAL B 74 25.14 12.51 9.44
N ASP B 75 25.02 13.12 10.61
CA ASP B 75 24.37 12.50 11.76
C ASP B 75 22.96 13.07 11.75
N ILE B 76 21.97 12.29 11.32
CA ILE B 76 20.54 12.74 11.27
C ILE B 76 19.94 13.11 12.66
N SER B 77 20.55 12.68 13.75
CA SER B 77 20.13 13.01 15.13
C SER B 77 20.67 14.40 15.50
N ASP B 78 21.41 15.02 14.60
CA ASP B 78 22.03 16.36 14.82
C ASP B 78 21.45 17.35 13.81
N GLN B 79 20.58 18.23 14.30
CA GLN B 79 19.81 19.18 13.46
C GLN B 79 20.74 20.02 12.58
N SER B 80 21.86 20.50 13.14
CA SER B 80 22.81 21.34 12.37
C SER B 80 23.49 20.56 11.23
N ASP B 81 23.88 19.32 11.46
CA ASP B 81 24.48 18.43 10.45
C ASP B 81 23.40 18.11 9.38
N VAL B 82 22.13 17.98 9.77
CA VAL B 82 21.06 17.74 8.76
C VAL B 82 20.99 18.95 7.83
N GLN B 83 21.01 20.16 8.39
CA GLN B 83 20.92 21.44 7.64
C GLN B 83 22.13 21.57 6.72
N GLN B 84 23.28 21.16 7.21
CA GLN B 84 24.54 21.13 6.43
C GLN B 84 24.32 20.13 5.32
N ALA B 85 23.78 18.96 5.63
CA ALA B 85 23.51 17.93 4.60
C ALA B 85 22.50 18.43 3.57
N ILE B 86 21.48 19.20 3.98
CA ILE B 86 20.50 19.66 2.96
C ILE B 86 21.13 20.67 1.99
N GLU B 87 22.02 21.52 2.47
CA GLU B 87 22.70 22.50 1.58
C GLU B 87 23.68 21.75 0.67
N ALA B 88 24.35 20.72 1.16
CA ALA B 88 25.32 19.97 0.34
C ALA B 88 24.62 19.33 -0.86
N THR B 89 23.50 18.66 -0.60
CA THR B 89 22.63 17.94 -1.57
C THR B 89 22.09 18.92 -2.61
N GLU B 90 21.80 20.14 -2.19
CA GLU B 90 21.28 21.17 -3.12
C GLU B 90 22.28 21.45 -4.26
N LYS B 91 23.58 21.21 -4.05
CA LYS B 91 24.66 21.41 -5.05
C LYS B 91 24.88 20.13 -5.83
N LEU B 92 24.27 19.05 -5.42
CA LEU B 92 24.49 17.75 -6.11
C LEU B 92 23.30 17.37 -6.98
N THR B 93 22.24 18.16 -6.90
CA THR B 93 20.97 17.87 -7.61
C THR B 93 20.25 19.14 -8.05
N GLN B 94 19.47 19.04 -9.13
CA GLN B 94 18.55 20.07 -9.67
C GLN B 94 17.32 20.20 -8.76
N SER B 95 16.75 19.07 -8.34
CA SER B 95 15.62 19.13 -7.40
C SER B 95 15.66 17.99 -6.37
N ILE B 96 14.87 18.13 -5.31
CA ILE B 96 14.72 17.09 -4.27
C ILE B 96 13.30 16.55 -4.33
N ASP B 97 13.12 15.45 -5.06
CA ASP B 97 11.79 14.86 -5.31
C ASP B 97 11.48 13.73 -4.35
N ILE B 98 12.47 13.00 -3.88
CA ILE B 98 12.13 11.78 -3.10
C ILE B 98 12.97 11.72 -1.83
N LEU B 99 12.33 11.37 -0.74
CA LEU B 99 12.98 11.06 0.54
C LEU B 99 12.55 9.65 0.99
N VAL B 100 13.54 8.87 1.39
CA VAL B 100 13.38 7.52 1.98
C VAL B 100 14.23 7.54 3.26
N HIS B 101 13.56 7.80 4.38
CA HIS B 101 14.20 7.89 5.70
C HIS B 101 14.28 6.50 6.32
N SER B 102 15.48 5.96 6.32
CA SER B 102 15.71 4.57 6.75
C SER B 102 16.67 4.52 7.93
N ALA B 103 17.36 5.62 8.23
CA ALA B 103 18.40 5.62 9.28
C ALA B 103 17.76 5.46 10.66
N GLY B 104 18.47 4.78 11.54
CA GLY B 104 18.05 4.60 12.93
C GLY B 104 18.71 3.40 13.53
N ILE B 105 18.44 3.22 14.80
CA ILE B 105 19.02 2.09 15.55
C ILE B 105 17.86 1.29 16.13
N ALA B 106 18.13 0.03 16.42
CA ALA B 106 17.11 -0.85 16.99
C ALA B 106 17.02 -0.58 18.49
N GLY B 107 18.12 -0.19 19.11
CA GLY B 107 18.18 0.06 20.54
C GLY B 107 18.41 -1.19 21.38
N GLN B 108 18.82 -1.00 22.62
CA GLN B 108 19.05 -2.12 23.54
C GLN B 108 17.70 -2.67 24.00
N ASN B 109 17.60 -3.97 24.17
CA ASN B 109 16.36 -4.54 24.72
C ASN B 109 16.48 -4.59 26.22
N ASN B 110 15.42 -4.15 26.87
CA ASN B 110 15.25 -4.19 28.34
C ASN B 110 13.79 -3.90 28.63
N PRO B 111 13.20 -4.45 29.69
CA PRO B 111 11.88 -4.01 30.11
C PRO B 111 12.01 -2.59 30.71
N VAL B 112 10.95 -1.81 30.57
CA VAL B 112 10.85 -0.40 31.10
C VAL B 112 11.43 -0.31 32.53
N ALA B 113 10.99 -1.19 33.45
CA ALA B 113 11.51 -1.27 34.83
C ALA B 113 13.05 -1.15 34.90
N ASP B 114 13.80 -1.74 33.95
CA ASP B 114 15.28 -1.69 33.93
C ASP B 114 15.82 -0.87 32.74
N TYR B 115 14.99 -0.18 31.99
CA TYR B 115 15.55 0.56 30.84
C TYR B 115 16.47 1.70 31.28
N SER B 116 17.62 1.78 30.62
CA SER B 116 18.55 2.89 30.91
C SER B 116 17.98 4.13 30.26
N PRO B 117 17.75 5.21 31.04
CA PRO B 117 17.26 6.48 30.51
C PRO B 117 18.18 7.04 29.43
N GLU B 118 19.49 6.89 29.57
CA GLU B 118 20.46 7.31 28.53
C GLU B 118 20.12 6.65 27.19
N GLU B 119 19.87 5.34 27.19
CA GLU B 119 19.51 4.59 25.97
C GLU B 119 18.13 5.07 25.49
N TRP B 120 17.19 5.30 26.41
CA TRP B 120 15.83 5.78 26.04
C TRP B 120 15.92 7.09 25.26
N ARG B 121 16.78 8.00 25.69
CA ARG B 121 17.00 9.33 25.05
C ARG B 121 17.68 9.16 23.68
N ARG B 122 18.69 8.31 23.63
CA ARG B 122 19.47 8.05 22.40
C ARG B 122 18.51 7.56 21.30
N VAL B 123 17.71 6.54 21.61
CA VAL B 123 16.73 5.94 20.65
C VAL B 123 15.74 7.01 20.20
N ILE B 124 15.13 7.72 21.13
CA ILE B 124 14.18 8.79 20.79
C ILE B 124 14.90 9.85 19.92
N ASP B 125 16.12 10.26 20.26
CA ASP B 125 16.83 11.33 19.52
C ASP B 125 17.09 10.91 18.06
N ILE B 126 17.57 9.70 17.85
CA ILE B 126 17.89 9.13 16.52
C ILE B 126 16.63 8.74 15.72
N ASP B 127 15.83 7.85 16.29
CA ASP B 127 14.61 7.29 15.67
C ASP B 127 13.45 8.27 15.47
N LEU B 128 13.18 9.18 16.41
CA LEU B 128 12.02 10.11 16.29
C LEU B 128 12.46 11.51 15.84
N ASN B 129 13.26 12.20 16.65
CA ASN B 129 13.79 13.57 16.40
C ASN B 129 14.59 13.68 15.09
N GLY B 130 15.45 12.72 14.79
CA GLY B 130 16.20 12.73 13.53
C GLY B 130 15.26 12.66 12.35
N ALA B 131 14.25 11.83 12.44
CA ALA B 131 13.23 11.71 11.37
C ALA B 131 12.52 13.08 11.24
N PHE B 132 12.23 13.73 12.34
CA PHE B 132 11.64 15.08 12.26
C PHE B 132 12.63 16.05 11.58
N TYR B 133 13.93 16.05 11.92
CA TYR B 133 14.87 17.05 11.36
C TYR B 133 14.94 16.85 9.85
N VAL B 134 15.17 15.60 9.42
CA VAL B 134 15.28 15.23 7.98
C VAL B 134 13.99 15.57 7.25
N ASN B 135 12.82 15.21 7.80
CA ASN B 135 11.51 15.43 7.12
C ASN B 135 11.26 16.93 6.95
N GLN B 136 11.60 17.74 7.96
CA GLN B 136 11.53 19.22 7.90
C GLN B 136 12.36 19.78 6.75
N VAL B 137 13.68 19.58 6.72
CA VAL B 137 14.53 20.28 5.72
C VAL B 137 14.11 19.84 4.31
N VAL B 138 13.75 18.57 4.12
CA VAL B 138 13.39 18.05 2.77
C VAL B 138 11.98 18.54 2.36
N VAL B 139 10.97 18.49 3.23
CA VAL B 139 9.59 18.84 2.79
C VAL B 139 9.52 20.32 2.41
N GLN B 140 10.49 21.14 2.84
CA GLN B 140 10.53 22.59 2.48
C GLN B 140 10.81 22.72 0.99
N ARG B 141 11.74 21.93 0.46
CA ARG B 141 12.09 21.88 -0.97
C ARG B 141 10.94 21.30 -1.77
N MET B 142 10.27 20.30 -1.21
CA MET B 142 9.13 19.68 -1.89
C MET B 142 7.98 20.68 -1.98
N ILE B 143 7.81 21.51 -0.94
CA ILE B 143 6.76 22.56 -0.93
C ILE B 143 7.04 23.57 -2.06
N ALA B 144 8.25 24.09 -2.14
CA ALA B 144 8.62 25.05 -3.20
C ALA B 144 8.35 24.45 -4.60
N GLN B 145 8.73 23.20 -4.80
CA GLN B 145 8.56 22.41 -6.04
C GLN B 145 7.09 22.05 -6.36
N ASN B 146 6.23 21.97 -5.36
CA ASN B 146 4.87 21.41 -5.53
C ASN B 146 5.01 19.95 -5.99
N TYR B 147 6.10 19.30 -5.59
CA TYR B 147 6.30 17.85 -5.88
C TYR B 147 7.08 17.15 -4.75
N GLY B 148 6.50 16.08 -4.22
CA GLY B 148 7.18 15.30 -3.19
C GLY B 148 6.69 13.88 -3.02
N ARG B 149 7.59 12.97 -2.73
CA ARG B 149 7.23 11.58 -2.33
C ARG B 149 8.12 11.20 -1.13
N ILE B 150 7.53 10.94 0.02
CA ILE B 150 8.28 10.64 1.27
C ILE B 150 7.89 9.28 1.85
N VAL B 151 8.90 8.51 2.25
CA VAL B 151 8.62 7.22 2.95
C VAL B 151 9.48 7.20 4.20
N ASN B 152 8.83 7.22 5.36
CA ASN B 152 9.50 7.04 6.67
C ASN B 152 9.47 5.54 6.98
N ILE B 153 10.63 4.94 7.08
CA ILE B 153 10.62 3.51 7.42
C ILE B 153 10.54 3.42 8.91
N ALA B 154 9.40 2.91 9.35
CA ALA B 154 9.08 2.69 10.77
C ALA B 154 9.29 1.20 11.08
N SER B 155 8.37 0.58 11.82
CA SER B 155 8.45 -0.85 12.25
C SER B 155 7.05 -1.32 12.67
N ILE B 156 6.83 -2.63 12.69
CA ILE B 156 5.67 -3.28 13.36
C ILE B 156 5.70 -2.91 14.86
N ALA B 157 6.88 -2.58 15.40
CA ALA B 157 7.06 -2.16 16.81
C ALA B 157 6.21 -0.92 17.09
N GLY B 158 6.18 0.04 16.15
CA GLY B 158 5.43 1.29 16.28
C GLY B 158 3.92 1.05 16.29
N LYS B 159 3.45 0.01 15.60
CA LYS B 159 2.02 -0.38 15.65
C LYS B 159 1.71 -1.06 16.99
N GLU B 160 2.60 -1.89 17.50
CA GLU B 160 2.20 -2.93 18.49
C GLU B 160 2.74 -2.63 19.89
N GLY B 161 3.91 -1.99 20.01
CA GLY B 161 4.59 -1.83 21.31
C GLY B 161 5.18 -3.14 21.81
N ASN B 162 6.30 -3.57 21.22
CA ASN B 162 7.01 -4.83 21.56
C ASN B 162 7.49 -4.78 23.01
N PRO B 163 7.18 -5.84 23.80
CA PRO B 163 7.81 -6.09 25.09
C PRO B 163 9.35 -6.04 25.03
N THR B 164 9.96 -5.27 25.93
CA THR B 164 11.42 -5.00 26.10
C THR B 164 11.96 -4.12 24.97
N ALA B 165 11.14 -3.44 24.17
CA ALA B 165 11.63 -2.47 23.18
C ALA B 165 10.73 -1.24 23.20
N SER B 166 10.46 -0.75 24.40
CA SER B 166 9.52 0.39 24.63
C SER B 166 10.03 1.63 23.87
N ALA B 167 11.32 1.99 24.00
CA ALA B 167 11.92 3.18 23.34
C ALA B 167 11.79 3.09 21.83
N TYR B 168 12.26 2.01 21.23
CA TYR B 168 12.21 1.77 19.77
C TYR B 168 10.75 1.85 19.30
N SER B 169 9.85 1.16 20.03
CA SER B 169 8.40 1.09 19.71
C SER B 169 7.80 2.51 19.83
N ALA B 170 8.25 3.29 20.82
CA ALA B 170 7.70 4.64 21.10
C ALA B 170 8.14 5.60 19.98
N ALA B 171 9.41 5.50 19.55
CA ALA B 171 9.99 6.36 18.51
C ALA B 171 9.29 6.08 17.20
N LYS B 172 9.14 4.79 16.87
CA LYS B 172 8.49 4.38 15.61
C LYS B 172 7.04 4.85 15.61
N ALA B 173 6.35 4.77 16.76
CA ALA B 173 4.96 5.26 16.93
C ALA B 173 4.90 6.78 16.67
N GLY B 174 5.91 7.51 17.12
CA GLY B 174 6.08 8.95 16.89
C GLY B 174 6.33 9.27 15.43
N MET B 175 7.17 8.47 14.76
CA MET B 175 7.42 8.58 13.30
C MET B 175 6.10 8.43 12.53
N ILE B 176 5.28 7.45 12.92
CA ILE B 176 3.96 7.19 12.28
C ILE B 176 3.05 8.42 12.48
N ALA B 177 2.95 8.95 13.69
CA ALA B 177 2.10 10.14 13.97
C ALA B 177 2.62 11.37 13.21
N LEU B 178 3.94 11.65 13.26
CA LEU B 178 4.62 12.68 12.42
C LEU B 178 4.19 12.54 10.95
N THR B 179 4.39 11.37 10.36
CA THR B 179 3.92 11.00 9.00
C THR B 179 2.46 11.44 8.77
N LYS B 180 1.56 11.11 9.71
CA LYS B 180 0.12 11.43 9.55
C LYS B 180 -0.05 12.95 9.58
N SER B 181 0.63 13.64 10.50
CA SER B 181 0.49 15.11 10.68
C SER B 181 0.97 15.84 9.41
N LEU B 182 2.14 15.44 8.90
CA LEU B 182 2.83 16.06 7.73
C LEU B 182 2.06 15.76 6.43
N GLY B 183 1.68 14.51 6.23
CA GLY B 183 0.78 14.12 5.12
C GLY B 183 -0.38 15.09 5.05
N LYS B 184 -1.16 15.22 6.13
CA LYS B 184 -2.37 16.10 6.15
C LYS B 184 -2.00 17.57 5.87
N GLU B 185 -0.85 18.06 6.33
CA GLU B 185 -0.43 19.48 6.13
C GLU B 185 -0.19 19.76 4.64
N THR B 186 0.28 18.75 3.89
CA THR B 186 0.78 18.89 2.50
C THR B 186 -0.22 18.33 1.48
N ALA B 187 -1.38 17.90 1.92
CA ALA B 187 -2.42 17.19 1.12
C ALA B 187 -2.95 17.96 -0.10
N THR B 188 -2.96 19.27 -0.05
CA THR B 188 -3.38 20.16 -1.16
C THR B 188 -2.21 20.34 -2.16
N ARG B 189 -1.00 19.99 -1.76
CA ARG B 189 0.17 20.01 -2.68
C ARG B 189 0.37 18.63 -3.30
N ASN B 190 1.16 18.53 -4.34
CA ASN B 190 1.41 17.22 -4.99
C ASN B 190 2.51 16.50 -4.20
N ILE B 191 2.33 16.42 -2.88
CA ILE B 191 3.26 15.75 -1.94
C ILE B 191 2.53 14.57 -1.27
N ALA B 192 3.14 13.39 -1.28
CA ALA B 192 2.70 12.16 -0.57
C ALA B 192 3.65 11.87 0.59
N VAL B 193 3.11 11.69 1.80
CA VAL B 193 3.93 11.41 3.01
C VAL B 193 3.33 10.19 3.66
N ASN B 194 4.07 9.09 3.61
CA ASN B 194 3.59 7.76 4.06
C ASN B 194 4.71 7.07 4.80
N ALA B 195 4.36 6.10 5.64
CA ALA B 195 5.28 5.27 6.43
C ALA B 195 5.06 3.82 6.04
N ILE B 196 6.00 2.97 6.39
CA ILE B 196 5.92 1.51 6.16
C ILE B 196 6.26 0.87 7.51
N THR B 197 5.60 -0.25 7.79
CA THR B 197 5.78 -1.02 9.04
C THR B 197 6.32 -2.43 8.75
N PRO B 198 7.63 -2.58 8.54
CA PRO B 198 8.17 -3.88 8.30
C PRO B 198 8.37 -4.68 9.59
N ALA B 199 8.50 -5.97 9.38
CA ALA B 199 8.92 -6.92 10.42
C ALA B 199 10.46 -7.01 10.41
N ALA B 200 11.05 -7.91 11.20
CA ALA B 200 12.51 -8.11 11.14
C ALA B 200 12.95 -8.51 9.70
N ALA B 201 14.05 -7.96 9.25
CA ALA B 201 14.49 -8.35 7.88
C ALA B 201 15.68 -9.32 7.94
N GLN B 202 15.93 -10.00 6.81
CA GLN B 202 17.06 -10.94 6.60
C GLN B 202 18.38 -10.19 6.30
N THR B 210 19.65 -14.69 19.33
CA THR B 210 19.64 -16.12 19.76
C THR B 210 18.69 -16.92 18.88
N GLN B 211 18.89 -18.23 18.77
CA GLN B 211 17.95 -19.01 17.94
C GLN B 211 16.55 -18.97 18.55
N ALA B 212 16.46 -19.07 19.87
CA ALA B 212 15.16 -19.06 20.56
C ALA B 212 14.50 -17.70 20.27
N HIS B 213 15.27 -16.63 20.31
CA HIS B 213 14.75 -15.30 19.92
C HIS B 213 14.19 -15.33 18.49
N ILE B 214 14.91 -15.95 17.57
CA ILE B 214 14.52 -16.08 16.13
C ILE B 214 13.18 -16.83 16.01
N ASP B 215 13.10 -18.02 16.59
CA ASP B 215 11.88 -18.85 16.50
C ASP B 215 10.70 -18.12 17.11
N TYR B 216 10.96 -17.32 18.13
CA TYR B 216 9.87 -16.55 18.78
C TYR B 216 9.40 -15.45 17.81
N MET B 217 10.32 -14.65 17.28
CA MET B 217 10.01 -13.58 16.30
C MET B 217 9.21 -14.16 15.12
N LEU B 218 9.67 -15.27 14.56
CA LEU B 218 9.06 -16.01 13.40
C LEU B 218 7.70 -16.61 13.78
N SER B 219 7.49 -16.87 15.06
CA SER B 219 6.21 -17.41 15.55
C SER B 219 5.11 -16.36 15.40
N LYS B 220 5.44 -15.09 15.53
CA LYS B 220 4.49 -13.97 15.35
C LYS B 220 4.32 -13.62 13.86
N ILE B 221 5.12 -14.21 12.96
CA ILE B 221 5.02 -13.89 11.50
C ILE B 221 4.32 -15.02 10.72
N PRO B 222 3.06 -14.87 10.27
CA PRO B 222 2.39 -15.90 9.48
C PRO B 222 3.17 -16.38 8.23
N ARG B 223 3.87 -15.48 7.56
CA ARG B 223 4.73 -15.84 6.42
C ARG B 223 5.85 -16.80 6.89
N ALA B 224 6.08 -16.96 8.21
CA ALA B 224 7.13 -17.83 8.80
C ALA B 224 8.51 -17.48 8.20
N ARG B 225 8.76 -16.22 7.84
CA ARG B 225 10.10 -15.81 7.37
C ARG B 225 10.24 -14.29 7.51
N PHE B 226 11.47 -13.78 7.44
CA PHE B 226 11.77 -12.33 7.51
C PHE B 226 11.63 -11.72 6.12
N VAL B 227 11.23 -10.45 6.04
CA VAL B 227 11.09 -9.71 4.76
C VAL B 227 12.51 -9.56 4.18
N LYS B 228 12.68 -9.79 2.87
CA LYS B 228 13.97 -9.54 2.15
C LYS B 228 14.04 -8.04 1.90
N VAL B 229 15.23 -7.44 1.99
CA VAL B 229 15.41 -5.98 1.77
C VAL B 229 14.83 -5.65 0.38
N GLU B 230 14.93 -6.57 -0.58
CA GLU B 230 14.40 -6.42 -1.96
C GLU B 230 12.89 -6.25 -1.97
N GLU B 231 12.17 -6.92 -1.06
CA GLU B 231 10.69 -6.87 -1.05
C GLU B 231 10.25 -5.50 -0.52
N LEU B 232 11.02 -4.96 0.42
CA LEU B 232 10.82 -3.60 0.96
C LEU B 232 11.12 -2.57 -0.13
N ALA B 233 12.21 -2.73 -0.87
CA ALA B 233 12.61 -1.84 -1.98
C ALA B 233 11.49 -1.79 -3.04
N ALA B 234 10.94 -2.95 -3.42
CA ALA B 234 9.81 -3.05 -4.36
C ALA B 234 8.68 -2.10 -3.90
N MET B 235 8.17 -2.30 -2.68
N MET B 235 8.17 -2.30 -2.68
CA MET B 235 7.06 -1.49 -2.14
CA MET B 235 7.06 -1.48 -2.14
C MET B 235 7.43 0.01 -2.02
C MET B 235 7.43 0.02 -2.02
N VAL B 236 8.56 0.33 -1.42
CA VAL B 236 9.03 1.75 -1.26
C VAL B 236 9.09 2.43 -2.63
N ALA B 237 9.64 1.75 -3.65
CA ALA B 237 9.72 2.25 -5.05
C ALA B 237 8.34 2.70 -5.53
N TRP B 238 7.29 1.89 -5.36
CA TRP B 238 5.95 2.27 -5.82
C TRP B 238 5.42 3.49 -5.04
N LEU B 239 5.62 3.51 -3.72
CA LEU B 239 5.20 4.63 -2.82
C LEU B 239 5.92 5.94 -3.17
N VAL B 240 7.17 5.88 -3.61
CA VAL B 240 7.95 7.12 -3.95
C VAL B 240 7.77 7.48 -5.44
N SER B 241 7.00 6.72 -6.22
CA SER B 241 6.74 7.01 -7.65
C SER B 241 5.61 8.03 -7.78
N GLU B 242 5.62 8.78 -8.90
CA GLU B 242 4.53 9.68 -9.35
C GLU B 242 3.16 9.02 -9.18
N GLU B 243 3.05 7.75 -9.50
CA GLU B 243 1.74 7.06 -9.66
C GLU B 243 1.05 6.90 -8.30
N ASN B 244 1.77 7.13 -7.20
CA ASN B 244 1.21 7.17 -5.82
C ASN B 244 0.81 8.61 -5.54
N SER B 245 -0.29 9.06 -6.15
CA SER B 245 -0.68 10.50 -6.25
C SER B 245 -1.86 10.85 -5.34
N PHE B 246 -2.54 9.85 -4.74
CA PHE B 246 -3.73 10.04 -3.88
C PHE B 246 -3.40 9.74 -2.41
N THR B 247 -2.83 8.56 -2.09
CA THR B 247 -2.65 8.09 -0.69
C THR B 247 -1.53 8.89 0.02
N THR B 248 -1.91 9.47 1.15
CA THR B 248 -1.03 10.27 2.04
C THR B 248 -1.48 10.15 3.50
N ALA B 249 -0.55 10.38 4.41
CA ALA B 249 -0.67 10.23 5.87
C ALA B 249 -1.08 8.79 6.18
N SER B 250 -0.48 7.84 5.46
CA SER B 250 -0.87 6.42 5.55
C SER B 250 0.30 5.55 5.89
N VAL B 251 -0.02 4.44 6.47
CA VAL B 251 0.98 3.45 6.90
C VAL B 251 0.83 2.26 5.96
N PHE B 252 1.89 1.89 5.29
CA PHE B 252 1.82 0.67 4.47
C PHE B 252 2.56 -0.43 5.23
N ASP B 253 1.87 -1.55 5.42
CA ASP B 253 2.39 -2.69 6.18
C ASP B 253 3.35 -3.59 5.38
N LEU B 254 4.38 -4.04 6.08
CA LEU B 254 5.40 -4.98 5.57
C LEU B 254 5.71 -6.04 6.65
N SER B 255 4.69 -6.62 7.23
CA SER B 255 4.84 -7.53 8.40
C SER B 255 4.51 -9.01 8.12
N GLY B 256 4.22 -9.36 6.88
CA GLY B 256 3.91 -10.74 6.47
C GLY B 256 2.73 -11.35 7.22
N GLY B 257 1.68 -10.57 7.42
CA GLY B 257 0.44 -11.03 8.06
C GLY B 257 0.33 -10.78 9.55
N ARG B 258 1.38 -10.30 10.19
CA ARG B 258 1.37 -10.05 11.66
C ARG B 258 0.37 -8.95 12.02
N ALA B 259 0.55 -7.76 11.45
CA ALA B 259 -0.26 -6.58 11.76
C ALA B 259 -1.73 -6.89 11.57
N THR B 260 -2.51 -6.59 12.60
CA THR B 260 -3.97 -6.74 12.57
C THR B 260 -4.59 -5.42 12.15
N TYR B 261 -3.77 -4.38 11.99
CA TYR B 261 -4.24 -3.07 11.49
C TYR B 261 -3.13 -2.48 10.61
#